data_7K6S
#
_entry.id   7K6S
#
_cell.length_a   111.210
_cell.length_b   27.210
_cell.length_c   37.920
_cell.angle_alpha   90.000
_cell.angle_beta   96.830
_cell.angle_gamma   90.000
#
_symmetry.space_group_name_H-M   'C 1 2 1'
#
loop_
_entity.id
_entity.type
_entity.pdbx_description
1 polymer 'Nucleosome-remodeling factor subunit BPTF'
2 non-polymer (7-amino-3,4-dihydroquinolin-1(2H)-yl)(cyclopropyl)methanone
3 non-polymer 1,2-ETHANEDIOL
4 non-polymer GLYCEROL
5 non-polymer 'CHLORIDE ION'
6 water water
#
_entity_poly.entity_id   1
_entity_poly.type   'polypeptide(L)'
_entity_poly.pdbx_seq_one_letter_code
;SMSTEDAMTVLTPLTEKDYEGLKRVLRSLQAHKMAWPFLEPVDPNDAPDYYGVIKEPMDLATMEERVQRRYYEKLTEFVA
DMTKIFDNCRYYNPSDSPFYQCAEVLESFFVQKLKGFKASRSH
;
_entity_poly.pdbx_strand_id   A
#
loop_
_chem_comp.id
_chem_comp.type
_chem_comp.name
_chem_comp.formula
CL non-polymer 'CHLORIDE ION' 'Cl -1'
EDO non-polymer 1,2-ETHANEDIOL 'C2 H6 O2'
GOL non-polymer GLYCEROL 'C3 H8 O3'
VYM non-polymer (7-amino-3,4-dihydroquinolin-1(2H)-yl)(cyclopropyl)methanone 'C13 H16 N2 O'
#
# COMPACT_ATOMS: atom_id res chain seq x y z
N GLU A 5 -15.85 1.60 5.58
CA GLU A 5 -15.23 0.37 6.06
C GLU A 5 -16.08 -0.28 7.14
N ASP A 6 -16.19 -1.61 7.07
CA ASP A 6 -17.00 -2.35 8.02
C ASP A 6 -16.36 -2.35 9.41
N ALA A 7 -17.18 -2.69 10.40
CA ALA A 7 -16.73 -2.70 11.79
C ALA A 7 -15.55 -3.62 12.01
N MET A 8 -15.55 -4.80 11.36
CA MET A 8 -14.41 -5.70 11.53
C MET A 8 -13.13 -5.06 11.04
N THR A 9 -13.18 -4.38 9.90
CA THR A 9 -11.98 -3.75 9.36
C THR A 9 -11.46 -2.66 10.29
N VAL A 10 -12.37 -1.90 10.91
CA VAL A 10 -11.93 -0.75 11.69
C VAL A 10 -11.28 -1.18 12.99
N LEU A 11 -11.84 -2.15 13.67
CA LEU A 11 -11.32 -2.38 15.00
C LEU A 11 -11.12 -3.82 15.43
N THR A 12 -11.46 -4.83 14.64
CA THR A 12 -11.10 -6.17 15.08
C THR A 12 -9.59 -6.24 15.03
N PRO A 13 -8.91 -6.41 16.16
CA PRO A 13 -7.45 -6.43 16.15
C PRO A 13 -6.95 -7.45 15.14
N LEU A 14 -5.84 -7.13 14.50
CA LEU A 14 -5.21 -8.07 13.61
C LEU A 14 -4.60 -9.20 14.43
N THR A 15 -4.98 -10.43 14.09
CA THR A 15 -4.42 -11.62 14.70
C THR A 15 -3.17 -12.05 13.96
N GLU A 16 -2.49 -13.08 14.50
N GLU A 16 -2.50 -13.08 14.49
CA GLU A 16 -1.35 -13.63 13.76
CA GLU A 16 -1.35 -13.65 13.78
C GLU A 16 -1.78 -14.20 12.42
C GLU A 16 -1.77 -14.23 12.43
N LYS A 17 -2.94 -14.87 12.38
CA LYS A 17 -3.46 -15.36 11.12
C LYS A 17 -3.74 -14.22 10.14
N ASP A 18 -4.36 -13.14 10.63
CA ASP A 18 -4.53 -11.95 9.80
C ASP A 18 -3.21 -11.48 9.24
N TYR A 19 -2.16 -11.48 10.06
CA TYR A 19 -0.87 -10.98 9.60
C TYR A 19 -0.30 -11.84 8.48
N GLU A 20 -0.52 -13.15 8.53
CA GLU A 20 -0.08 -13.99 7.42
C GLU A 20 -0.81 -13.62 6.14
N GLY A 21 -2.09 -13.27 6.25
CA GLY A 21 -2.81 -12.78 5.08
C GLY A 21 -2.30 -11.44 4.58
N LEU A 22 -1.95 -10.53 5.50
CA LEU A 22 -1.41 -9.24 5.07
C LEU A 22 -0.09 -9.42 4.36
N LYS A 23 0.74 -10.35 4.85
CA LYS A 23 2.00 -10.62 4.15
C LYS A 23 1.75 -11.10 2.74
N ARG A 24 0.74 -11.96 2.56
CA ARG A 24 0.44 -12.44 1.21
C ARG A 24 -0.03 -11.31 0.31
N VAL A 25 -0.89 -10.44 0.82
CA VAL A 25 -1.34 -9.29 0.03
C VAL A 25 -0.15 -8.42 -0.35
N LEU A 26 0.70 -8.11 0.62
CA LEU A 26 1.83 -7.24 0.34
C LEU A 26 2.75 -7.86 -0.69
N ARG A 27 3.03 -9.17 -0.57
N ARG A 27 3.02 -9.17 -0.58
CA ARG A 27 3.90 -9.83 -1.54
CA ARG A 27 3.91 -9.81 -1.54
C ARG A 27 3.27 -9.81 -2.92
C ARG A 27 3.28 -9.83 -2.93
N SER A 28 1.95 -9.97 -3.02
CA SER A 28 1.28 -9.89 -4.30
C SER A 28 1.48 -8.53 -4.94
N LEU A 29 1.35 -7.45 -4.15
CA LEU A 29 1.59 -6.11 -4.69
C LEU A 29 3.04 -5.94 -5.11
N GLN A 30 3.98 -6.42 -4.29
CA GLN A 30 5.39 -6.25 -4.61
C GLN A 30 5.77 -7.00 -5.89
N ALA A 31 5.05 -8.07 -6.23
CA ALA A 31 5.33 -8.89 -7.40
C ALA A 31 4.64 -8.40 -8.66
N HIS A 32 3.71 -7.46 -8.54
CA HIS A 32 2.95 -6.99 -9.68
C HIS A 32 3.84 -6.21 -10.65
N LYS A 33 3.60 -6.39 -11.93
CA LYS A 33 4.45 -5.76 -12.94
C LYS A 33 4.41 -4.24 -12.88
N MET A 34 3.34 -3.65 -12.34
CA MET A 34 3.21 -2.20 -12.28
CA MET A 34 3.20 -2.20 -12.27
C MET A 34 3.59 -1.63 -10.92
N ALA A 35 4.21 -2.45 -10.07
CA ALA A 35 4.57 -1.96 -8.74
C ALA A 35 5.95 -1.33 -8.68
N TRP A 36 6.75 -1.41 -9.75
CA TRP A 36 8.11 -0.90 -9.70
CA TRP A 36 8.11 -0.91 -9.71
C TRP A 36 8.26 0.49 -9.12
N PRO A 37 7.39 1.48 -9.43
CA PRO A 37 7.63 2.82 -8.87
C PRO A 37 7.41 2.90 -7.38
N PHE A 38 6.76 1.92 -6.78
CA PHE A 38 6.31 2.00 -5.40
C PHE A 38 7.07 1.09 -4.46
N LEU A 39 8.03 0.32 -4.98
CA LEU A 39 8.69 -0.69 -4.15
C LEU A 39 9.51 -0.07 -3.03
N GLU A 40 10.13 1.06 -3.29
CA GLU A 40 11.04 1.71 -2.36
C GLU A 40 10.68 3.18 -2.30
N PRO A 41 11.13 3.90 -1.27
CA PRO A 41 10.86 5.34 -1.21
C PRO A 41 11.28 6.03 -2.50
N VAL A 42 10.52 7.07 -2.87
CA VAL A 42 10.87 7.86 -4.03
C VAL A 42 12.27 8.40 -3.86
N ASP A 43 13.08 8.27 -4.90
CA ASP A 43 14.45 8.77 -4.88
C ASP A 43 14.43 10.26 -5.20
N PRO A 44 14.93 11.12 -4.31
CA PRO A 44 14.92 12.56 -4.61
C PRO A 44 15.67 12.92 -5.88
N ASN A 45 16.59 12.07 -6.34
CA ASN A 45 17.25 12.30 -7.60
C ASN A 45 16.29 12.17 -8.78
N ASP A 46 15.28 11.32 -8.65
CA ASP A 46 14.25 11.19 -9.68
C ASP A 46 13.18 12.26 -9.60
N ALA A 47 13.11 13.00 -8.49
CA ALA A 47 12.10 14.03 -8.29
C ALA A 47 12.57 14.99 -7.20
N PRO A 48 13.34 16.03 -7.54
CA PRO A 48 14.01 16.83 -6.50
C PRO A 48 13.06 17.53 -5.54
N ASP A 49 11.86 17.89 -5.97
CA ASP A 49 10.92 18.61 -5.13
C ASP A 49 9.96 17.69 -4.40
N TYR A 50 10.09 16.37 -4.56
CA TYR A 50 9.06 15.45 -4.12
C TYR A 50 8.77 15.60 -2.64
N TYR A 51 9.81 15.66 -1.81
CA TYR A 51 9.62 15.66 -0.37
C TYR A 51 9.19 17.01 0.18
N GLY A 52 9.16 18.05 -0.65
CA GLY A 52 8.55 19.30 -0.26
C GLY A 52 7.09 19.38 -0.64
N VAL A 53 6.66 18.50 -1.54
CA VAL A 53 5.27 18.45 -2.00
C VAL A 53 4.47 17.43 -1.21
N ILE A 54 5.06 16.27 -0.94
CA ILE A 54 4.37 15.16 -0.34
C ILE A 54 4.77 15.10 1.13
N LYS A 55 3.84 15.40 2.01
CA LYS A 55 4.21 15.52 3.41
C LYS A 55 4.32 14.18 4.11
N GLU A 56 3.62 13.15 3.66
CA GLU A 56 3.70 11.81 4.25
C GLU A 56 3.98 10.79 3.15
N PRO A 57 5.24 10.67 2.75
CA PRO A 57 5.60 9.63 1.79
C PRO A 57 5.30 8.24 2.31
N MET A 58 5.06 7.31 1.38
CA MET A 58 4.87 5.92 1.75
C MET A 58 5.26 5.05 0.56
N ASP A 59 5.69 3.83 0.86
CA ASP A 59 6.17 2.91 -0.16
C ASP A 59 6.03 1.49 0.38
N LEU A 60 6.12 0.52 -0.51
CA LEU A 60 5.89 -0.87 -0.13
C LEU A 60 6.97 -1.43 0.80
N ALA A 61 8.20 -0.94 0.70
CA ALA A 61 9.25 -1.43 1.59
C ALA A 61 9.03 -0.95 3.01
N THR A 62 8.61 0.30 3.16
CA THR A 62 8.24 0.79 4.48
C THR A 62 7.08 0.00 5.05
N MET A 63 6.09 -0.30 4.23
CA MET A 63 4.99 -1.13 4.71
C MET A 63 5.48 -2.52 5.10
N GLU A 64 6.40 -3.09 4.32
CA GLU A 64 6.95 -4.40 4.67
C GLU A 64 7.61 -4.37 6.03
N GLU A 65 8.44 -3.36 6.27
CA GLU A 65 9.09 -3.20 7.56
C GLU A 65 8.06 -3.14 8.67
N ARG A 66 7.00 -2.33 8.44
CA ARG A 66 5.95 -2.19 9.44
C ARG A 66 5.22 -3.52 9.67
N VAL A 67 4.95 -4.26 8.60
CA VAL A 67 4.36 -5.59 8.77
C VAL A 67 5.25 -6.49 9.61
N GLN A 68 6.55 -6.51 9.30
CA GLN A 68 7.45 -7.40 10.01
C GLN A 68 7.55 -7.02 11.47
N ARG A 69 7.43 -5.74 11.79
CA ARG A 69 7.48 -5.22 13.15
CA ARG A 69 7.51 -5.33 13.18
C ARG A 69 6.14 -5.29 13.87
N ARG A 70 5.10 -5.77 13.21
CA ARG A 70 3.76 -5.81 13.78
C ARG A 70 3.25 -4.42 14.15
N TYR A 71 3.58 -3.45 13.31
CA TYR A 71 3.19 -2.07 13.55
C TYR A 71 1.68 -1.90 13.52
N TYR A 72 1.00 -2.57 12.61
CA TYR A 72 -0.43 -2.37 12.41
C TYR A 72 -1.23 -3.13 13.47
N GLU A 73 -2.20 -2.45 14.07
N GLU A 73 -2.19 -2.44 14.08
CA GLU A 73 -3.10 -3.10 15.03
CA GLU A 73 -3.11 -3.05 15.04
C GLU A 73 -4.48 -3.38 14.44
C GLU A 73 -4.45 -3.40 14.42
N LYS A 74 -4.87 -2.65 13.41
CA LYS A 74 -6.18 -2.79 12.79
C LYS A 74 -6.00 -2.74 11.28
N LEU A 75 -6.85 -3.47 10.56
CA LEU A 75 -6.76 -3.49 9.10
C LEU A 75 -6.85 -2.09 8.51
N THR A 76 -7.67 -1.22 9.09
N THR A 76 -7.65 -1.22 9.11
CA THR A 76 -7.79 0.14 8.58
CA THR A 76 -7.79 0.13 8.58
C THR A 76 -6.44 0.84 8.48
C THR A 76 -6.45 0.86 8.49
N GLU A 77 -5.53 0.56 9.40
CA GLU A 77 -4.23 1.23 9.40
C GLU A 77 -3.38 0.77 8.23
N PHE A 78 -3.42 -0.53 7.94
CA PHE A 78 -2.71 -1.06 6.79
C PHE A 78 -3.27 -0.48 5.50
N VAL A 79 -4.60 -0.48 5.38
CA VAL A 79 -5.24 0.08 4.21
C VAL A 79 -4.89 1.56 4.06
N ALA A 80 -4.81 2.29 5.18
CA ALA A 80 -4.46 3.71 5.11
C ALA A 80 -3.06 3.92 4.55
N ASP A 81 -2.08 3.13 4.97
CA ASP A 81 -0.73 3.27 4.41
C ASP A 81 -0.73 2.95 2.92
N MET A 82 -1.42 1.88 2.52
CA MET A 82 -1.44 1.52 1.12
C MET A 82 -2.08 2.63 0.29
N THR A 83 -3.17 3.18 0.80
CA THR A 83 -3.87 4.26 0.11
C THR A 83 -2.99 5.50 0.01
N LYS A 84 -2.16 5.78 0.99
CA LYS A 84 -1.22 6.89 0.90
C LYS A 84 -0.31 6.75 -0.30
N ILE A 85 0.17 5.53 -0.58
CA ILE A 85 1.02 5.33 -1.77
C ILE A 85 0.30 5.83 -3.01
N PHE A 86 -0.94 5.42 -3.18
CA PHE A 86 -1.66 5.75 -4.39
C PHE A 86 -2.08 7.22 -4.41
N ASP A 87 -2.52 7.75 -3.29
CA ASP A 87 -2.92 9.15 -3.24
C ASP A 87 -1.73 10.06 -3.48
N ASN A 88 -0.58 9.77 -2.87
CA ASN A 88 0.61 10.57 -3.13
C ASN A 88 0.93 10.57 -4.61
N CYS A 89 0.83 9.41 -5.25
CA CYS A 89 1.20 9.30 -6.65
C CYS A 89 0.26 10.12 -7.53
N ARG A 90 -1.04 10.01 -7.28
CA ARG A 90 -1.99 10.73 -8.11
C ARG A 90 -1.91 12.22 -7.90
N TYR A 91 -1.52 12.67 -6.71
CA TYR A 91 -1.38 14.09 -6.43
C TYR A 91 -0.11 14.64 -7.04
N TYR A 92 1.00 13.92 -6.91
CA TYR A 92 2.27 14.45 -7.40
C TYR A 92 2.33 14.42 -8.92
N ASN A 93 1.78 13.39 -9.55
CA ASN A 93 2.01 13.17 -10.97
C ASN A 93 0.77 13.52 -11.77
N PRO A 94 0.94 13.99 -13.00
CA PRO A 94 -0.22 14.32 -13.84
C PRO A 94 -0.95 13.07 -14.26
N SER A 95 -2.22 13.27 -14.62
CA SER A 95 -3.09 12.15 -14.91
C SER A 95 -2.69 11.39 -16.17
N ASP A 96 -1.86 11.97 -17.02
CA ASP A 96 -1.40 11.28 -18.22
C ASP A 96 -0.01 10.64 -18.05
N SER A 97 0.55 10.62 -16.82
CA SER A 97 1.89 10.11 -16.60
C SER A 97 1.86 8.60 -16.39
N PRO A 98 2.93 7.91 -16.77
CA PRO A 98 2.98 6.47 -16.47
C PRO A 98 2.88 6.16 -14.99
N PHE A 99 3.36 7.06 -14.14
CA PHE A 99 3.25 6.84 -12.71
C PHE A 99 1.80 6.79 -12.28
N TYR A 100 1.00 7.73 -12.79
CA TYR A 100 -0.41 7.76 -12.46
C TYR A 100 -1.11 6.50 -12.92
N GLN A 101 -0.80 6.05 -14.14
CA GLN A 101 -1.34 4.80 -14.66
C GLN A 101 -1.00 3.63 -13.75
N CYS A 102 0.24 3.56 -13.28
CA CYS A 102 0.62 2.46 -12.39
C CYS A 102 -0.23 2.48 -11.13
N ALA A 103 -0.49 3.68 -10.59
CA ALA A 103 -1.32 3.77 -9.39
C ALA A 103 -2.74 3.29 -9.65
N GLU A 104 -3.31 3.62 -10.80
N GLU A 104 -3.33 3.70 -10.78
CA GLU A 104 -4.68 3.20 -11.06
CA GLU A 104 -4.65 3.22 -11.14
C GLU A 104 -4.78 1.69 -11.25
C GLU A 104 -4.69 1.70 -11.14
N VAL A 105 -3.77 1.07 -11.88
CA VAL A 105 -3.77 -0.38 -12.03
C VAL A 105 -3.54 -1.04 -10.69
N LEU A 106 -2.52 -0.59 -9.97
CA LEU A 106 -2.17 -1.29 -8.75
C LEU A 106 -3.21 -1.09 -7.67
N GLU A 107 -3.86 0.07 -7.62
CA GLU A 107 -4.90 0.22 -6.62
C GLU A 107 -6.07 -0.72 -6.90
N SER A 108 -6.46 -0.86 -8.17
N SER A 108 -6.45 -0.91 -8.16
CA SER A 108 -7.52 -1.80 -8.51
CA SER A 108 -7.56 -1.81 -8.44
C SER A 108 -7.15 -3.21 -8.07
C SER A 108 -7.18 -3.26 -8.17
N PHE A 109 -5.89 -3.60 -8.30
CA PHE A 109 -5.42 -4.92 -7.90
C PHE A 109 -5.43 -5.06 -6.38
N PHE A 110 -4.98 -4.02 -5.68
CA PHE A 110 -5.04 -4.04 -4.23
C PHE A 110 -6.47 -4.23 -3.74
N VAL A 111 -7.43 -3.55 -4.33
CA VAL A 111 -8.82 -3.71 -3.91
C VAL A 111 -9.28 -5.16 -4.12
N GLN A 112 -8.94 -5.75 -5.25
CA GLN A 112 -9.30 -7.15 -5.48
C GLN A 112 -8.72 -8.04 -4.39
N LYS A 113 -7.44 -7.84 -4.09
CA LYS A 113 -6.77 -8.67 -3.08
C LYS A 113 -7.31 -8.39 -1.68
N LEU A 114 -7.61 -7.12 -1.40
CA LEU A 114 -8.12 -6.75 -0.09
C LEU A 114 -9.49 -7.37 0.16
N LYS A 115 -10.35 -7.37 -0.86
CA LYS A 115 -11.65 -8.03 -0.73
C LYS A 115 -11.48 -9.50 -0.44
N GLY A 116 -10.53 -10.14 -1.11
CA GLY A 116 -10.25 -11.54 -0.81
C GLY A 116 -9.78 -11.73 0.61
N PHE A 117 -8.91 -10.84 1.10
CA PHE A 117 -8.44 -10.93 2.47
C PHE A 117 -9.57 -10.76 3.46
N LYS A 118 -10.43 -9.77 3.24
CA LYS A 118 -11.53 -9.52 4.16
C LYS A 118 -12.48 -10.72 4.22
N ALA A 119 -12.75 -11.34 3.07
CA ALA A 119 -13.63 -12.51 3.04
C ALA A 119 -13.02 -13.66 3.84
N SER A 120 -11.70 -13.80 3.79
CA SER A 120 -11.00 -14.91 4.43
C SER A 120 -10.90 -14.76 5.94
N ARG A 121 -11.14 -13.57 6.48
CA ARG A 121 -10.98 -13.37 7.93
C ARG A 121 -12.01 -14.15 8.72
C01 VYM B . 6.55 8.87 -8.13
C02 VYM B . 6.12 7.48 -8.24
C03 VYM B . 5.92 6.66 -6.96
C04 VYM B . 4.71 7.12 -7.78
C05 VYM B . 8.14 10.70 -8.44
C06 VYM B . 8.36 11.20 -9.88
C07 VYM B . 9.37 10.32 -10.68
C13 VYM B . 10.67 8.17 -10.65
C08 VYM B . 9.63 8.96 -10.11
C09 VYM B . 8.83 8.45 -9.05
C10 VYM B . 9.18 7.16 -8.56
C11 VYM B . 10.19 6.36 -9.10
C12 VYM B . 10.95 6.89 -10.16
N01 VYM B . 7.82 9.28 -8.53
N02 VYM B . 10.42 5.14 -8.59
O01 VYM B . 5.72 9.68 -7.66
C1 EDO C . 8.38 -9.90 4.75
O1 EDO C . 8.77 -11.22 4.38
C2 EDO C . 6.86 -9.83 4.87
O2 EDO C . 6.25 -10.10 3.61
C1 GOL D . -1.09 -13.86 -7.54
O1 GOL D . -2.17 -13.10 -7.93
C2 GOL D . -0.03 -12.89 -7.19
O2 GOL D . -0.62 -11.73 -6.76
C3 GOL D . 0.78 -13.57 -6.09
O3 GOL D . 1.97 -12.88 -5.99
CL CL E . 8.15 -9.61 -10.11
#